data_5FML
#
_entry.id   5FML
#
_cell.length_a   35.380
_cell.length_b   80.850
_cell.length_c   37.910
_cell.angle_alpha   90.00
_cell.angle_beta   97.15
_cell.angle_gamma   90.00
#
_symmetry.space_group_name_H-M   'P 1 21 1'
#
loop_
_entity.id
_entity.type
_entity.pdbx_description
1 polymer 'PB2 SUBUNIT OF INFLUENZA B POLYMERASE'
2 polymer 'PA SUBUNIT OF INFLUENZA B POLYMERASE'
3 non-polymer 'MAGNESIUM ION'
4 non-polymer GLYCEROL
5 water water
#
loop_
_entity_poly.entity_id
_entity_poly.type
_entity_poly.pdbx_seq_one_letter_code
_entity_poly.pdbx_strand_id
1 'polypeptide(L)' KRYSALSNDISQGIKRQRMTVESMGWALS A
2 'polypeptide(L)'
;MGSMAMDTFITRNFQTTIIQKAKNTMAEFSEDPELQPAMLFNICVHLEVCYVISDMNFLDEEGKSYTALEGQGKEQNLRP
QYEVIEGMPRTIAWMVQRSLAQEHGIETPKYLADLFDYKTKRFIEVGITKGLADDYFWKKKEKLGNSMELMIFSYNQDYS
LSNESSLDEEGKGRVLSRLTELQAELSLKNLWQVLIGEEDVE
;
B
#
# COMPACT_ATOMS: atom_id res chain seq x y z
N LEU A 6 6.33 12.47 -0.88
CA LEU A 6 5.62 11.36 -1.61
C LEU A 6 6.58 10.52 -2.44
N SER A 7 7.46 11.17 -3.20
CA SER A 7 8.49 10.44 -3.95
C SER A 7 9.49 9.83 -2.97
N ASN A 8 9.76 10.51 -1.86
CA ASN A 8 10.68 9.97 -0.85
C ASN A 8 10.11 8.69 -0.25
N ASP A 9 8.82 8.73 0.09
CA ASP A 9 8.11 7.53 0.57
C ASP A 9 8.36 6.33 -0.37
N ILE A 10 8.31 6.57 -1.69
CA ILE A 10 8.47 5.52 -2.70
C ILE A 10 9.91 5.09 -2.83
N SER A 11 10.81 6.07 -2.90
N SER A 11 10.81 6.06 -2.90
CA SER A 11 12.24 5.82 -3.04
CA SER A 11 12.23 5.80 -3.05
C SER A 11 12.75 4.98 -1.88
C SER A 11 12.75 4.97 -1.88
N GLN A 12 12.44 5.44 -0.67
CA GLN A 12 12.78 4.73 0.57
C GLN A 12 12.14 3.33 0.67
N GLY A 13 10.87 3.24 0.30
CA GLY A 13 10.20 1.93 0.29
C GLY A 13 10.85 0.92 -0.63
N ILE A 14 11.17 1.35 -1.85
CA ILE A 14 11.90 0.47 -2.78
C ILE A 14 13.28 0.05 -2.25
N LYS A 15 14.02 0.96 -1.64
CA LYS A 15 15.30 0.61 -1.00
C LYS A 15 15.11 -0.47 0.08
N ARG A 16 14.11 -0.25 0.94
CA ARG A 16 13.85 -1.19 2.02
C ARG A 16 13.48 -2.54 1.50
N GLN A 17 12.72 -2.62 0.42
CA GLN A 17 12.37 -3.93 -0.13
C GLN A 17 13.63 -4.68 -0.59
N ARG A 18 14.51 -3.98 -1.26
CA ARG A 18 15.72 -4.62 -1.72
C ARG A 18 16.52 -5.09 -0.51
N MET A 19 16.64 -4.24 0.52
CA MET A 19 17.37 -4.60 1.75
C MET A 19 16.81 -5.87 2.36
N THR A 20 15.49 -5.93 2.50
CA THR A 20 14.90 -7.09 3.11
C THR A 20 15.19 -8.36 2.36
N VAL A 21 15.10 -8.31 1.03
CA VAL A 21 15.09 -9.54 0.25
C VAL A 21 16.50 -10.09 0.31
N GLU A 22 17.46 -9.21 0.12
CA GLU A 22 18.89 -9.59 0.13
C GLU A 22 19.41 -9.99 1.51
N SER A 23 18.77 -9.59 2.60
CA SER A 23 19.14 -10.11 3.92
C SER A 23 18.59 -11.55 4.14
N MET A 24 17.68 -11.99 3.28
CA MET A 24 17.15 -13.37 3.30
C MET A 24 17.83 -14.26 2.25
N MET B 4 -7.80 13.88 -22.75
CA MET B 4 -6.55 13.22 -22.24
C MET B 4 -6.79 11.71 -22.05
N ALA B 5 -5.86 10.90 -22.57
CA ALA B 5 -5.93 9.44 -22.37
C ALA B 5 -5.71 9.18 -20.88
N MET B 6 -6.37 8.17 -20.32
CA MET B 6 -5.97 7.68 -19.00
C MET B 6 -4.48 7.37 -19.00
N ASP B 7 -3.94 6.83 -20.09
CA ASP B 7 -2.50 6.55 -20.16
C ASP B 7 -1.71 7.81 -19.85
N THR B 8 -2.16 8.92 -20.42
CA THR B 8 -1.51 10.20 -20.24
C THR B 8 -1.74 10.71 -18.79
N PHE B 9 -2.95 10.56 -18.28
CA PHE B 9 -3.26 10.90 -16.89
C PHE B 9 -2.26 10.19 -15.98
N ILE B 10 -2.07 8.90 -16.25
CA ILE B 10 -1.21 8.08 -15.37
C ILE B 10 0.19 8.64 -15.43
N THR B 11 0.71 8.89 -16.64
CA THR B 11 2.02 9.45 -16.79
C THR B 11 2.23 10.80 -16.07
N ARG B 12 1.21 11.64 -16.07
CA ARG B 12 1.33 12.96 -15.50
C ARG B 12 1.10 13.00 -14.01
N ASN B 13 0.56 11.93 -13.43
CA ASN B 13 0.15 11.94 -12.02
C ASN B 13 0.83 10.96 -11.06
N PHE B 14 1.60 10.00 -11.61
CA PHE B 14 2.35 9.01 -10.83
C PHE B 14 3.83 8.99 -11.19
N GLN B 15 4.67 8.63 -10.22
CA GLN B 15 6.11 8.46 -10.47
C GLN B 15 6.33 7.32 -11.44
N THR B 16 7.37 7.43 -12.27
CA THR B 16 7.68 6.37 -13.22
C THR B 16 7.90 5.01 -12.55
N THR B 17 8.51 5.04 -11.36
CA THR B 17 8.77 3.82 -10.58
C THR B 17 7.47 3.11 -10.27
N ILE B 18 6.47 3.86 -9.81
N ILE B 18 6.48 3.86 -9.81
CA ILE B 18 5.12 3.32 -9.56
CA ILE B 18 5.13 3.32 -9.54
C ILE B 18 4.50 2.72 -10.81
C ILE B 18 4.47 2.75 -10.79
N ILE B 19 4.56 3.48 -11.89
CA ILE B 19 3.99 3.03 -13.15
C ILE B 19 4.56 1.71 -13.61
N GLN B 20 5.88 1.56 -13.53
CA GLN B 20 6.54 0.36 -14.02
C GLN B 20 6.19 -0.85 -13.17
N LYS B 21 6.13 -0.65 -11.86
CA LYS B 21 5.71 -1.76 -10.99
C LYS B 21 4.29 -2.16 -11.31
N ALA B 22 3.43 -1.16 -11.55
CA ALA B 22 2.06 -1.47 -11.93
C ALA B 22 1.97 -2.29 -13.24
N LYS B 23 2.78 -1.89 -14.22
CA LYS B 23 2.83 -2.65 -15.46
C LYS B 23 3.36 -4.07 -15.23
N ASN B 24 4.39 -4.22 -14.40
CA ASN B 24 4.89 -5.56 -14.05
C ASN B 24 3.83 -6.46 -13.39
N THR B 25 3.05 -5.88 -12.47
CA THR B 25 1.91 -6.59 -11.87
C THR B 25 0.93 -7.07 -12.92
N MET B 26 0.57 -6.18 -13.84
CA MET B 26 -0.34 -6.56 -14.91
C MET B 26 0.28 -7.66 -15.79
N ALA B 27 1.59 -7.62 -15.98
CA ALA B 27 2.33 -8.67 -16.70
C ALA B 27 2.27 -9.99 -15.96
N GLU B 28 2.53 -9.94 -14.65
CA GLU B 28 2.37 -11.13 -13.79
C GLU B 28 0.94 -11.72 -13.92
N PHE B 29 -0.06 -10.83 -13.98
CA PHE B 29 -1.47 -11.24 -14.16
C PHE B 29 -1.88 -11.44 -15.62
N SER B 30 -0.90 -11.46 -16.54
CA SER B 30 -1.10 -11.40 -17.99
C SER B 30 -2.33 -10.57 -18.40
N GLU B 31 -2.24 -9.29 -18.08
CA GLU B 31 -3.21 -8.29 -18.51
C GLU B 31 -2.45 -7.14 -19.12
N ASP B 32 -3.09 -6.50 -20.09
CA ASP B 32 -2.41 -5.49 -20.90
C ASP B 32 -2.82 -4.06 -20.49
N PRO B 33 -1.83 -3.25 -19.99
CA PRO B 33 -2.03 -1.85 -19.59
C PRO B 33 -2.81 -1.02 -20.60
N GLU B 34 -2.45 -1.17 -21.89
CA GLU B 34 -3.14 -0.48 -23.00
C GLU B 34 -4.63 -0.81 -23.06
N LEU B 35 -4.98 -2.08 -22.88
CA LEU B 35 -6.37 -2.53 -22.95
C LEU B 35 -7.17 -2.30 -21.68
N GLN B 36 -6.51 -2.24 -20.51
CA GLN B 36 -7.20 -2.02 -19.23
C GLN B 36 -6.51 -0.89 -18.44
N PRO B 37 -6.65 0.35 -18.94
CA PRO B 37 -5.98 1.47 -18.25
C PRO B 37 -6.54 1.75 -16.84
N ALA B 38 -7.82 1.44 -16.63
CA ALA B 38 -8.44 1.61 -15.32
C ALA B 38 -7.75 0.73 -14.31
N MET B 39 -7.51 -0.53 -14.68
N MET B 39 -7.49 -0.53 -14.67
CA MET B 39 -6.73 -1.45 -13.84
CA MET B 39 -6.74 -1.46 -13.83
C MET B 39 -5.29 -0.97 -13.55
C MET B 39 -5.29 -1.01 -13.56
N LEU B 40 -4.64 -0.39 -14.55
CA LEU B 40 -3.30 0.15 -14.35
C LEU B 40 -3.30 1.29 -13.32
N PHE B 41 -4.28 2.16 -13.45
CA PHE B 41 -4.48 3.28 -12.54
C PHE B 41 -4.67 2.76 -11.13
N ASN B 42 -5.54 1.76 -11.01
CA ASN B 42 -5.89 1.16 -9.71
C ASN B 42 -4.68 0.58 -9.03
N ILE B 43 -3.87 -0.16 -9.80
CA ILE B 43 -2.65 -0.76 -9.27
C ILE B 43 -1.66 0.32 -8.80
N CYS B 44 -1.47 1.36 -9.61
CA CYS B 44 -0.65 2.51 -9.26
C CYS B 44 -1.05 3.16 -7.94
N VAL B 45 -2.35 3.41 -7.77
CA VAL B 45 -2.81 4.03 -6.53
C VAL B 45 -2.54 3.12 -5.32
N HIS B 46 -2.80 1.84 -5.49
CA HIS B 46 -2.58 0.84 -4.44
C HIS B 46 -1.14 0.76 -4.00
N LEU B 47 -0.25 0.69 -4.98
CA LEU B 47 1.17 0.73 -4.69
C LEU B 47 1.59 1.97 -3.91
N GLU B 48 1.16 3.12 -4.37
N GLU B 48 1.17 3.13 -4.39
CA GLU B 48 1.52 4.35 -3.71
CA GLU B 48 1.44 4.40 -3.71
C GLU B 48 1.04 4.39 -2.26
C GLU B 48 1.05 4.34 -2.26
N VAL B 49 -0.21 4.00 -2.02
CA VAL B 49 -0.73 3.93 -0.67
C VAL B 49 0.10 3.06 0.26
N CYS B 50 0.47 1.86 -0.20
CA CYS B 50 1.29 0.98 0.60
C CYS B 50 2.62 1.58 0.98
N TYR B 51 3.26 2.26 0.03
CA TYR B 51 4.53 2.87 0.36
C TYR B 51 4.43 4.05 1.30
N VAL B 52 3.35 4.81 1.15
CA VAL B 52 3.10 5.96 1.99
C VAL B 52 2.89 5.50 3.42
N ILE B 53 2.05 4.48 3.60
CA ILE B 53 1.77 3.94 4.94
C ILE B 53 3.07 3.49 5.63
N SER B 54 3.91 2.78 4.89
CA SER B 54 5.17 2.26 5.42
C SER B 54 6.28 3.24 5.67
N ASP B 55 6.19 4.46 5.16
CA ASP B 55 7.25 5.42 5.45
C ASP B 55 6.89 6.30 6.64
N MET B 56 5.80 6.03 7.32
CA MET B 56 5.40 6.96 8.35
C MET B 56 5.76 6.58 9.77
N ASN B 57 5.92 5.28 10.06
CA ASN B 57 6.30 4.79 11.39
C ASN B 57 7.58 3.99 11.43
N PHE B 58 8.38 4.20 12.50
CA PHE B 58 9.57 3.41 12.75
C PHE B 58 9.50 2.90 14.15
N LEU B 59 10.21 1.82 14.41
CA LEU B 59 10.31 1.19 15.73
C LEU B 59 11.77 1.13 16.11
N ASP B 60 12.09 1.46 17.35
CA ASP B 60 13.47 1.29 17.83
C ASP B 60 13.60 -0.13 18.33
N GLU B 61 14.78 -0.51 18.82
N GLU B 61 14.78 -0.48 18.83
CA GLU B 61 14.99 -1.89 19.32
CA GLU B 61 15.05 -1.84 19.31
C GLU B 61 14.08 -2.25 20.49
C GLU B 61 14.32 -2.22 20.61
N GLU B 62 13.67 -1.25 21.26
CA GLU B 62 12.78 -1.49 22.39
C GLU B 62 11.31 -1.56 22.02
N GLY B 63 10.94 -1.37 20.74
CA GLY B 63 9.55 -1.39 20.31
C GLY B 63 8.84 -0.05 20.36
N LYS B 64 9.59 1.02 20.66
CA LYS B 64 8.97 2.36 20.70
C LYS B 64 8.73 2.88 19.29
N SER B 65 7.57 3.51 19.09
N SER B 65 7.55 3.49 19.07
CA SER B 65 7.10 3.99 17.80
CA SER B 65 7.14 3.96 17.77
C SER B 65 7.43 5.46 17.56
C SER B 65 7.45 5.44 17.57
N TYR B 66 8.03 5.76 16.39
CA TYR B 66 8.41 7.11 16.00
C TYR B 66 7.85 7.42 14.63
N THR B 67 7.48 8.68 14.42
CA THR B 67 7.31 9.16 13.03
C THR B 67 8.64 9.40 12.32
N ALA B 68 8.62 9.48 10.99
CA ALA B 68 9.87 9.77 10.27
C ALA B 68 10.57 11.04 10.84
N LEU B 69 9.80 12.11 11.07
CA LEU B 69 10.36 13.33 11.63
C LEU B 69 10.93 13.15 13.03
N GLU B 70 10.17 12.48 13.90
CA GLU B 70 10.62 12.28 15.28
C GLU B 70 11.88 11.44 15.34
N GLY B 71 11.98 10.47 14.43
CA GLY B 71 13.12 9.58 14.37
C GLY B 71 14.37 10.06 13.68
N GLN B 72 14.28 11.17 12.96
CA GLN B 72 15.43 11.67 12.19
C GLN B 72 16.67 11.87 13.06
N GLY B 73 17.81 11.39 12.55
CA GLY B 73 19.10 11.40 13.26
C GLY B 73 19.40 10.11 13.97
N LYS B 74 18.37 9.28 14.16
CA LYS B 74 18.45 8.01 14.86
C LYS B 74 18.18 6.83 13.92
N GLU B 75 17.96 7.07 12.62
CA GLU B 75 17.35 6.03 11.75
C GLU B 75 18.15 4.75 11.65
N GLN B 76 19.46 4.84 11.61
CA GLN B 76 20.39 3.69 11.72
C GLN B 76 19.92 2.67 12.77
N ASN B 77 19.42 3.19 13.88
CA ASN B 77 19.07 2.43 15.04
C ASN B 77 17.58 2.12 15.08
N LEU B 78 16.83 2.49 14.03
CA LEU B 78 15.43 2.22 13.91
C LEU B 78 15.20 1.26 12.77
N ARG B 79 14.01 0.68 12.76
CA ARG B 79 13.59 -0.06 11.59
C ARG B 79 12.15 0.30 11.30
N PRO B 80 11.74 0.16 10.02
CA PRO B 80 10.39 0.50 9.67
C PRO B 80 9.39 -0.36 10.43
N GLN B 81 8.28 0.24 10.82
CA GLN B 81 7.23 -0.48 11.50
C GLN B 81 6.53 -1.48 10.57
N TYR B 82 6.46 -1.14 9.29
CA TYR B 82 5.82 -2.02 8.31
C TYR B 82 6.76 -2.44 7.27
N GLU B 83 6.77 -3.74 7.02
CA GLU B 83 7.36 -4.29 5.84
C GLU B 83 6.38 -4.17 4.70
N VAL B 84 6.82 -3.55 3.60
CA VAL B 84 5.98 -3.49 2.38
C VAL B 84 6.23 -4.70 1.46
N ILE B 85 5.19 -5.48 1.30
CA ILE B 85 5.20 -6.71 0.53
C ILE B 85 4.70 -6.42 -0.86
N GLU B 86 3.64 -5.61 -0.98
N GLU B 86 3.62 -5.65 -0.96
CA GLU B 86 3.19 -5.11 -2.26
CA GLU B 86 3.19 -4.99 -2.18
C GLU B 86 4.32 -4.35 -2.97
C GLU B 86 4.39 -4.38 -2.95
N GLY B 87 4.45 -4.60 -4.27
CA GLY B 87 5.44 -3.93 -5.10
C GLY B 87 6.69 -4.74 -5.32
N MET B 88 6.93 -5.76 -4.49
CA MET B 88 7.96 -6.77 -4.79
C MET B 88 7.42 -7.68 -5.89
N PRO B 89 8.31 -8.24 -6.72
CA PRO B 89 7.86 -9.30 -7.63
C PRO B 89 7.12 -10.37 -6.84
N ARG B 90 6.01 -10.83 -7.38
CA ARG B 90 5.10 -11.65 -6.56
C ARG B 90 5.69 -12.93 -6.07
N THR B 91 6.51 -13.57 -6.90
CA THR B 91 7.12 -14.82 -6.52
C THR B 91 7.97 -14.63 -5.27
N ILE B 92 8.72 -13.52 -5.24
CA ILE B 92 9.55 -13.15 -4.08
C ILE B 92 8.69 -12.76 -2.90
N ALA B 93 7.64 -12.00 -3.17
CA ALA B 93 6.73 -11.60 -2.11
C ALA B 93 6.19 -12.75 -1.30
N TRP B 94 5.79 -13.84 -1.99
CA TRP B 94 5.27 -15.00 -1.25
C TRP B 94 6.25 -15.55 -0.21
N MET B 95 7.51 -15.57 -0.60
CA MET B 95 8.59 -16.08 0.22
C MET B 95 8.92 -15.14 1.36
N VAL B 96 8.87 -13.83 1.09
CA VAL B 96 9.01 -12.83 2.17
C VAL B 96 7.90 -13.02 3.22
N GLN B 97 6.66 -13.13 2.74
CA GLN B 97 5.52 -13.38 3.61
C GLN B 97 5.72 -14.62 4.51
N ARG B 98 6.12 -15.71 3.87
CA ARG B 98 6.40 -16.96 4.57
C ARG B 98 7.53 -16.78 5.58
N SER B 99 8.61 -16.16 5.15
CA SER B 99 9.75 -15.92 6.03
C SER B 99 9.35 -15.12 7.26
N LEU B 100 8.64 -14.01 7.04
CA LEU B 100 8.12 -13.19 8.15
C LEU B 100 7.23 -13.95 9.13
N ALA B 101 6.31 -14.74 8.60
CA ALA B 101 5.38 -15.51 9.41
C ALA B 101 6.18 -16.49 10.29
N GLN B 102 7.12 -17.17 9.65
CA GLN B 102 7.93 -18.18 10.34
C GLN B 102 8.76 -17.52 11.44
N GLU B 103 9.39 -16.38 11.14
CA GLU B 103 10.20 -15.68 12.14
C GLU B 103 9.43 -15.22 13.36
N HIS B 104 8.15 -14.94 13.20
CA HIS B 104 7.33 -14.43 14.29
C HIS B 104 6.41 -15.44 14.91
N GLY B 105 6.55 -16.72 14.57
CA GLY B 105 5.69 -17.78 15.09
C GLY B 105 4.21 -17.57 14.88
N ILE B 106 3.84 -17.21 13.64
CA ILE B 106 2.43 -16.98 13.31
C ILE B 106 2.13 -17.74 12.03
N GLU B 107 0.84 -17.89 11.75
CA GLU B 107 0.37 -18.63 10.57
C GLU B 107 0.71 -17.80 9.34
N THR B 108 1.15 -18.46 8.25
CA THR B 108 1.34 -17.80 6.96
C THR B 108 -0.06 -17.62 6.36
N PRO B 109 -0.45 -16.37 5.97
CA PRO B 109 -1.80 -16.22 5.42
C PRO B 109 -1.92 -16.93 4.10
N LYS B 110 -3.12 -17.41 3.83
CA LYS B 110 -3.43 -18.08 2.58
C LYS B 110 -3.17 -17.18 1.36
N TYR B 111 -3.58 -15.92 1.48
CA TYR B 111 -3.48 -14.94 0.41
C TYR B 111 -2.24 -14.01 0.67
N LEU B 112 -1.76 -13.36 -0.39
CA LEU B 112 -0.59 -12.51 -0.30
C LEU B 112 -1.00 -11.14 0.27
N ALA B 113 -0.35 -10.78 1.36
CA ALA B 113 -0.65 -9.53 2.06
C ALA B 113 0.02 -8.38 1.33
N ASP B 114 -0.35 -7.18 1.71
CA ASP B 114 0.32 -5.96 1.25
C ASP B 114 1.42 -5.42 2.17
N LEU B 115 1.22 -5.53 3.50
CA LEU B 115 2.16 -5.10 4.51
C LEU B 115 2.23 -6.10 5.61
N PHE B 116 3.31 -6.03 6.38
CA PHE B 116 3.41 -6.73 7.66
C PHE B 116 3.77 -5.68 8.72
N ASP B 117 3.01 -5.67 9.81
CA ASP B 117 3.15 -4.71 10.91
C ASP B 117 4.03 -5.42 11.93
N TYR B 118 5.29 -5.01 12.04
CA TYR B 118 6.19 -5.55 13.01
C TYR B 118 5.77 -5.32 14.49
N LYS B 119 4.95 -4.32 14.76
CA LYS B 119 4.57 -4.03 16.15
C LYS B 119 3.53 -5.03 16.63
N THR B 120 2.44 -5.14 15.88
CA THR B 120 1.31 -6.02 16.21
C THR B 120 1.51 -7.45 15.71
N LYS B 121 2.51 -7.67 14.85
CA LYS B 121 2.81 -8.98 14.24
C LYS B 121 1.63 -9.50 13.40
N ARG B 122 1.04 -8.60 12.63
CA ARG B 122 -0.13 -8.89 11.81
C ARG B 122 0.19 -8.49 10.38
N PHE B 123 -0.30 -9.30 9.44
CA PHE B 123 -0.32 -8.96 8.04
C PHE B 123 -1.51 -8.06 7.77
N ILE B 124 -1.33 -7.16 6.81
CA ILE B 124 -2.27 -6.15 6.46
C ILE B 124 -2.63 -6.25 4.99
N GLU B 125 -3.91 -6.12 4.70
CA GLU B 125 -4.39 -5.96 3.32
C GLU B 125 -4.95 -4.55 3.19
N VAL B 126 -4.44 -3.81 2.21
CA VAL B 126 -4.89 -2.48 1.94
C VAL B 126 -5.87 -2.51 0.79
N GLY B 127 -7.00 -1.83 0.96
CA GLY B 127 -8.00 -1.63 -0.09
C GLY B 127 -8.32 -0.18 -0.35
N ILE B 128 -8.53 0.15 -1.63
CA ILE B 128 -8.87 1.50 -2.08
C ILE B 128 -10.16 1.43 -2.92
N THR B 129 -11.20 2.16 -2.48
N THR B 129 -11.12 2.29 -2.62
CA THR B 129 -12.52 2.14 -3.15
CA THR B 129 -12.45 2.11 -3.18
C THR B 129 -13.00 3.50 -3.58
C THR B 129 -13.08 3.45 -3.53
N LYS B 130 -13.75 3.50 -4.69
CA LYS B 130 -14.45 4.68 -5.18
C LYS B 130 -15.80 4.74 -4.48
N GLY B 131 -16.29 3.58 -4.06
CA GLY B 131 -17.41 3.49 -3.12
C GLY B 131 -17.13 3.86 -1.66
N LEU B 132 -17.70 3.04 -0.80
CA LEU B 132 -17.74 3.30 0.62
C LEU B 132 -16.96 2.20 1.31
N ALA B 133 -16.13 2.64 2.24
CA ALA B 133 -15.05 1.81 2.78
C ALA B 133 -15.60 0.61 3.54
N ASP B 134 -16.69 0.80 4.26
CA ASP B 134 -17.20 -0.27 5.10
C ASP B 134 -17.77 -1.39 4.28
N ASP B 135 -18.47 -1.04 3.19
CA ASP B 135 -18.99 -2.07 2.26
C ASP B 135 -17.86 -3.00 1.74
N TYR B 136 -16.75 -2.40 1.36
CA TYR B 136 -15.60 -3.12 0.88
C TYR B 136 -14.90 -3.92 1.99
N PHE B 137 -14.79 -3.35 3.17
CA PHE B 137 -14.37 -4.11 4.34
C PHE B 137 -15.15 -5.43 4.49
N TRP B 138 -16.48 -5.38 4.42
CA TRP B 138 -17.23 -6.62 4.63
C TRP B 138 -17.00 -7.66 3.54
N LYS B 139 -16.87 -7.18 2.30
CA LYS B 139 -16.58 -8.03 1.17
C LYS B 139 -15.23 -8.71 1.36
N LYS B 140 -14.20 -7.94 1.70
CA LYS B 140 -12.87 -8.55 1.87
C LYS B 140 -12.76 -9.47 3.08
N LYS B 141 -13.51 -9.16 4.13
CA LYS B 141 -13.68 -10.06 5.28
C LYS B 141 -14.14 -11.49 4.92
N GLU B 142 -15.06 -11.64 3.97
CA GLU B 142 -15.54 -12.96 3.51
C GLU B 142 -14.38 -13.84 3.07
N LYS B 143 -13.43 -13.27 2.31
CA LYS B 143 -12.23 -14.00 1.86
C LYS B 143 -11.22 -14.21 2.97
N LEU B 144 -10.98 -13.15 3.71
CA LEU B 144 -9.82 -13.08 4.58
C LEU B 144 -10.07 -13.54 6.01
N GLY B 145 -11.30 -13.41 6.51
CA GLY B 145 -11.62 -13.74 7.90
C GLY B 145 -10.85 -12.80 8.82
N ASN B 146 -10.18 -13.40 9.82
CA ASN B 146 -9.33 -12.69 10.74
C ASN B 146 -7.84 -12.89 10.36
N SER B 147 -7.57 -13.25 9.11
CA SER B 147 -6.20 -13.62 8.74
C SER B 147 -5.30 -12.39 8.64
N MET B 148 -5.91 -11.25 8.29
CA MET B 148 -5.22 -9.97 8.13
C MET B 148 -6.00 -8.80 8.69
N GLU B 149 -5.25 -7.76 9.07
CA GLU B 149 -5.84 -6.47 9.31
C GLU B 149 -6.21 -5.82 7.99
N LEU B 150 -7.44 -5.39 7.86
CA LEU B 150 -7.85 -4.62 6.69
C LEU B 150 -7.74 -3.16 6.94
N MET B 151 -7.09 -2.45 5.99
CA MET B 151 -7.02 -1.00 5.97
C MET B 151 -7.65 -0.48 4.68
N ILE B 152 -8.82 0.15 4.80
CA ILE B 152 -9.61 0.56 3.66
C ILE B 152 -9.72 2.05 3.58
N PHE B 153 -9.44 2.60 2.39
CA PHE B 153 -9.57 4.00 2.15
C PHE B 153 -10.41 4.24 0.91
N SER B 154 -11.12 5.35 0.89
N SER B 154 -11.13 5.35 0.91
CA SER B 154 -11.93 5.69 -0.28
CA SER B 154 -11.93 5.77 -0.25
C SER B 154 -11.61 7.09 -0.77
C SER B 154 -11.43 7.05 -0.84
N TYR B 155 -11.94 7.33 -2.03
CA TYR B 155 -11.71 8.61 -2.67
C TYR B 155 -12.62 9.76 -2.12
N ASN B 156 -13.56 9.44 -1.23
CA ASN B 156 -14.55 10.41 -0.71
C ASN B 156 -14.35 10.63 0.80
N GLN B 157 -13.07 10.66 1.23
CA GLN B 157 -12.67 10.76 2.65
C GLN B 157 -13.18 9.65 3.60
N ASP B 158 -13.83 8.63 3.07
CA ASP B 158 -14.36 7.53 3.87
C ASP B 158 -13.18 6.56 4.11
N TYR B 159 -13.23 5.80 5.20
CA TYR B 159 -12.19 4.82 5.46
C TYR B 159 -12.70 3.80 6.46
N SER B 160 -12.03 2.65 6.51
CA SER B 160 -12.36 1.62 7.49
C SER B 160 -11.05 1.06 7.99
N LEU B 161 -10.75 1.35 9.26
CA LEU B 161 -9.51 0.93 9.88
C LEU B 161 -9.89 0.37 11.23
N SER B 162 -9.13 -0.62 11.65
CA SER B 162 -9.22 -1.09 13.03
C SER B 162 -8.92 0.03 14.06
N ASN B 163 -9.75 0.08 15.11
CA ASN B 163 -9.51 0.92 16.27
C ASN B 163 -8.07 0.75 16.77
N GLU B 164 -7.54 -0.47 16.65
CA GLU B 164 -6.20 -0.82 17.06
C GLU B 164 -5.20 -0.87 15.89
N SER B 165 -5.43 -0.08 14.84
CA SER B 165 -4.45 0.08 13.75
C SER B 165 -3.29 0.93 14.22
N SER B 166 -2.11 0.67 13.66
CA SER B 166 -0.92 1.49 13.92
C SER B 166 -0.92 2.84 13.17
N LEU B 167 -1.77 3.00 12.15
CA LEU B 167 -1.83 4.26 11.38
C LEU B 167 -2.48 5.37 12.19
N ASP B 168 -1.77 6.48 12.42
CA ASP B 168 -2.32 7.62 13.19
C ASP B 168 -3.12 8.62 12.34
N GLU B 169 -3.66 9.66 12.98
CA GLU B 169 -4.44 10.71 12.28
C GLU B 169 -3.72 11.37 11.12
N GLU B 170 -2.47 11.76 11.35
CA GLU B 170 -1.63 12.39 10.31
C GLU B 170 -1.45 11.44 9.14
N GLY B 171 -1.17 10.16 9.40
CA GLY B 171 -0.96 9.19 8.32
C GLY B 171 -2.21 8.91 7.49
N LYS B 172 -3.34 8.77 8.19
CA LYS B 172 -4.67 8.67 7.55
C LYS B 172 -4.96 9.87 6.69
N GLY B 173 -4.66 11.04 7.22
CA GLY B 173 -4.85 12.29 6.49
C GLY B 173 -4.05 12.36 5.22
N ARG B 174 -2.79 11.93 5.32
CA ARG B 174 -1.92 11.90 4.17
C ARG B 174 -2.43 10.96 3.04
N VAL B 175 -2.96 9.81 3.41
CA VAL B 175 -3.49 8.87 2.42
C VAL B 175 -4.75 9.47 1.82
N LEU B 176 -5.66 9.91 2.69
CA LEU B 176 -6.92 10.46 2.20
C LEU B 176 -6.77 11.70 1.37
N SER B 177 -5.81 12.57 1.68
CA SER B 177 -5.63 13.77 0.88
C SER B 177 -5.15 13.40 -0.54
N ARG B 178 -4.18 12.49 -0.64
CA ARG B 178 -3.76 12.06 -1.94
C ARG B 178 -4.90 11.48 -2.78
N LEU B 179 -5.76 10.68 -2.17
CA LEU B 179 -6.88 10.06 -2.89
C LEU B 179 -7.87 11.13 -3.31
N THR B 180 -8.15 12.07 -2.41
CA THR B 180 -9.04 13.22 -2.73
C THR B 180 -8.50 14.05 -3.89
N GLU B 181 -7.20 14.26 -3.86
CA GLU B 181 -6.49 14.97 -4.89
C GLU B 181 -6.60 14.24 -6.25
N LEU B 182 -6.47 12.91 -6.24
CA LEU B 182 -6.60 12.15 -7.49
C LEU B 182 -8.01 12.19 -8.06
N GLN B 183 -8.99 12.08 -7.18
CA GLN B 183 -10.37 12.13 -7.61
C GLN B 183 -10.61 13.49 -8.31
N ALA B 184 -10.11 14.57 -7.73
CA ALA B 184 -10.37 15.89 -8.25
C ALA B 184 -9.68 16.09 -9.60
N GLU B 185 -8.44 15.63 -9.70
CA GLU B 185 -7.72 15.69 -10.95
C GLU B 185 -8.40 14.86 -12.04
N LEU B 186 -8.90 13.66 -11.68
CA LEU B 186 -9.58 12.77 -12.64
C LEU B 186 -10.82 13.47 -13.20
N SER B 187 -11.60 14.02 -12.28
CA SER B 187 -12.82 14.80 -12.61
C SER B 187 -12.55 15.94 -13.58
N LEU B 188 -11.50 16.73 -13.31
CA LEU B 188 -11.08 17.80 -14.23
C LEU B 188 -10.77 17.35 -15.65
N LYS B 189 -10.42 16.08 -15.82
CA LYS B 189 -10.26 15.46 -17.14
C LYS B 189 -11.41 14.53 -17.54
N ASN B 190 -12.53 14.58 -16.82
CA ASN B 190 -13.70 13.73 -17.09
C ASN B 190 -13.38 12.22 -17.17
N LEU B 191 -12.34 11.81 -16.43
CA LEU B 191 -11.97 10.41 -16.29
C LEU B 191 -12.62 9.77 -15.06
N TRP B 192 -13.28 10.56 -14.21
CA TRP B 192 -13.82 10.04 -12.95
C TRP B 192 -15.06 9.10 -13.09
N GLN B 193 -16.17 9.60 -13.63
CA GLN B 193 -17.40 8.77 -13.72
C GLN B 193 -17.31 7.63 -14.74
N VAL B 194 -16.25 7.64 -15.55
CA VAL B 194 -15.77 6.46 -16.27
C VAL B 194 -15.24 5.36 -15.33
N LEU B 195 -14.54 5.75 -14.27
CA LEU B 195 -13.74 4.80 -13.46
C LEU B 195 -14.49 3.63 -12.82
N ILE B 196 -13.94 2.43 -13.04
CA ILE B 196 -14.20 1.23 -12.23
C ILE B 196 -13.01 1.12 -11.24
N GLY B 197 -13.32 1.05 -9.94
CA GLY B 197 -12.33 0.91 -8.88
C GLY B 197 -12.14 -0.52 -8.44
N GLU B 198 -11.36 -0.72 -7.37
CA GLU B 198 -10.99 -2.06 -6.86
C GLU B 198 -12.22 -2.91 -6.42
N GLU B 199 -13.26 -2.24 -5.96
CA GLU B 199 -14.52 -2.89 -5.59
C GLU B 199 -15.30 -3.37 -6.81
#